data_4PG9
#
_entry.id   4PG9
#
_cell.length_a   87.721
_cell.length_b   136.533
_cell.length_c   45.203
_cell.angle_alpha   90.000
_cell.angle_beta   90.000
_cell.angle_gamma   90.000
#
_symmetry.space_group_name_H-M   'P 21 21 2'
#
loop_
_entity.id
_entity.type
_entity.pdbx_description
1 polymer 'H-2 class I histocompatibility antigen, K-B alpha chain'
2 polymer Beta-2-microglobulin
3 polymer 'Sendai virus nucleoprotein'
4 non-polymer GLYCEROL
5 water water
#
loop_
_entity_poly.entity_id
_entity_poly.type
_entity_poly.pdbx_seq_one_letter_code
_entity_poly.pdbx_strand_id
1 'polypeptide(L)'
;MGSSHHHHHHSSGLVPRGSHMLEDPMGPHSLRYFVTAVSRPGLGEPRYMEVGYVDDTEFVRFDSDAENPRYEPRARWMEQ
EGPEYWERETQKAKGNEQSFRVDLRTLLGYYNQSKGGSHTIQVISGCEVGSDGRLLRGYQQYAYDGCDYIALNEDLKTWT
AADMAALITKHKWEQAGEAERLRAYLEGTCVEWLRRYLKNGNATLLRTDSPKAHVTHHSRPEDKVTLRCWALGFYPADIT
LTWQLNGEELIQDMELVETRPAGDGTFQKWASVVVPLGKEQYYTCHVYHQGLPEPLTLRWEPPP
;
A
2 'polypeptide(L)'
;MIQKTPQIQVYSRHPPENGKPNILNCYVTQFHPPHIEIQMLKNGKKIPKVEMSDMSFSKDWSFYILAHTEFTPTETDTYA
CRVKHDSMAEPKTVYWDRDM
;
B
3 'polypeptide(L)' FAPGNYPAL C
#
# COMPACT_ATOMS: atom_id res chain seq x y z
N GLY A 27 -6.27 -18.02 -9.39
CA GLY A 27 -5.08 -17.14 -9.63
C GLY A 27 -4.03 -17.28 -8.56
N PRO A 28 -2.90 -16.55 -8.71
CA PRO A 28 -1.79 -16.62 -7.75
C PRO A 28 -2.10 -15.85 -6.46
N HIS A 29 -1.43 -16.23 -5.38
CA HIS A 29 -1.59 -15.54 -4.11
C HIS A 29 -0.23 -15.25 -3.48
N SER A 30 -0.20 -14.24 -2.62
CA SER A 30 1.03 -13.83 -1.97
C SER A 30 0.83 -13.57 -0.48
N LEU A 31 1.90 -13.79 0.29
CA LEU A 31 1.99 -13.40 1.68
C LEU A 31 3.19 -12.50 1.79
N ARG A 32 2.99 -11.27 2.29
CA ARG A 32 4.07 -10.28 2.35
C ARG A 32 4.08 -9.56 3.69
N TYR A 33 5.29 -9.22 4.16
CA TYR A 33 5.48 -8.41 5.36
C TYR A 33 6.31 -7.18 5.05
N PHE A 34 5.73 -6.00 5.30
CA PHE A 34 6.42 -4.72 5.12
C PHE A 34 6.91 -4.25 6.49
N VAL A 35 8.21 -4.02 6.60
CA VAL A 35 8.84 -3.61 7.86
C VAL A 35 9.51 -2.25 7.68
N THR A 36 9.29 -1.36 8.64
CA THR A 36 9.92 -0.04 8.64
C THR A 36 10.45 0.34 10.00
N ALA A 37 11.69 0.83 10.01
CA ALA A 37 12.31 1.36 11.22
C ALA A 37 12.80 2.77 10.90
N VAL A 38 12.36 3.74 11.71
CA VAL A 38 12.66 5.15 11.45
C VAL A 38 13.21 5.81 12.72
N SER A 39 14.47 6.25 12.67
CA SER A 39 15.07 6.93 13.82
C SER A 39 14.54 8.33 13.95
N ARG A 40 14.60 8.86 15.17
CA ARG A 40 14.15 10.21 15.46
C ARG A 40 14.98 10.75 16.62
N PRO A 41 16.23 11.16 16.32
CA PRO A 41 17.16 11.69 17.31
C PRO A 41 16.56 12.79 18.17
N GLY A 42 16.88 12.78 19.46
CA GLY A 42 16.33 13.75 20.41
C GLY A 42 14.91 13.46 20.86
N LEU A 43 14.26 12.48 20.26
CA LEU A 43 12.85 12.18 20.56
C LEU A 43 12.63 10.74 21.03
N GLY A 44 13.71 10.03 21.35
CA GLY A 44 13.61 8.67 21.89
C GLY A 44 13.90 7.60 20.85
N GLU A 45 13.25 6.45 21.01
CA GLU A 45 13.59 5.27 20.23
C GLU A 45 12.96 5.32 18.84
N PRO A 46 13.61 4.65 17.86
CA PRO A 46 13.06 4.60 16.51
C PRO A 46 11.63 4.09 16.47
N ARG A 47 10.82 4.59 15.53
CA ARG A 47 9.50 4.01 15.32
C ARG A 47 9.64 2.73 14.52
N TYR A 48 9.03 1.66 15.01
CA TYR A 48 9.11 0.37 14.35
C TYR A 48 7.72 -0.14 14.00
N MET A 49 7.53 -0.49 12.72
CA MET A 49 6.25 -1.00 12.23
C MET A 49 6.42 -2.26 11.39
N GLU A 50 5.53 -3.22 11.59
CA GLU A 50 5.38 -4.35 10.67
C GLU A 50 3.94 -4.35 10.21
N VAL A 51 3.74 -4.55 8.90
CA VAL A 51 2.41 -4.67 8.32
C VAL A 51 2.42 -5.85 7.37
N GLY A 52 1.51 -6.79 7.58
CA GLY A 52 1.43 -8.00 6.76
C GLY A 52 0.20 -7.96 5.86
N TYR A 53 0.37 -8.47 4.64
CA TYR A 53 -0.71 -8.57 3.66
C TYR A 53 -0.83 -9.98 3.14
N VAL A 54 -2.07 -10.45 3.01
CA VAL A 54 -2.37 -11.59 2.14
C VAL A 54 -2.99 -10.99 0.88
N ASP A 55 -2.37 -11.26 -0.27
CA ASP A 55 -2.70 -10.55 -1.50
C ASP A 55 -2.74 -9.03 -1.24
N ASP A 56 -3.84 -8.37 -1.57
CA ASP A 56 -3.95 -6.92 -1.40
C ASP A 56 -4.67 -6.52 -0.11
N THR A 57 -4.93 -7.48 0.77
CA THR A 57 -5.62 -7.18 2.02
C THR A 57 -4.66 -7.21 3.20
N GLU A 58 -4.59 -6.10 3.93
CA GLU A 58 -3.87 -6.01 5.20
C GLU A 58 -4.54 -6.93 6.20
N PHE A 59 -3.77 -7.82 6.84
CA PHE A 59 -4.33 -8.80 7.78
C PHE A 59 -3.69 -8.85 9.17
N VAL A 60 -2.46 -8.34 9.31
CA VAL A 60 -1.84 -8.14 10.63
C VAL A 60 -1.00 -6.85 10.66
N ARG A 61 -0.77 -6.32 11.86
CA ARG A 61 0.14 -5.18 12.02
C ARG A 61 0.76 -5.10 13.40
N PHE A 62 1.95 -4.49 13.45
CA PHE A 62 2.59 -4.11 14.70
C PHE A 62 3.07 -2.67 14.55
N ASP A 63 2.91 -1.91 15.64
CA ASP A 63 3.30 -0.50 15.68
C ASP A 63 3.85 -0.17 17.07
N SER A 64 5.13 0.21 17.13
CA SER A 64 5.82 0.52 18.39
C SER A 64 5.27 1.74 19.12
N ASP A 65 4.54 2.61 18.41
CA ASP A 65 3.96 3.81 19.02
C ASP A 65 2.56 3.60 19.59
N ALA A 66 2.03 2.39 19.46
CA ALA A 66 0.79 2.05 20.17
C ALA A 66 1.08 2.05 21.67
N GLU A 67 0.04 2.28 22.47
CA GLU A 67 0.19 2.35 23.94
C GLU A 67 0.65 1.03 24.54
N ASN A 68 0.11 -0.07 24.02
CA ASN A 68 0.58 -1.42 24.34
C ASN A 68 0.95 -2.13 23.03
N PRO A 69 2.21 -1.97 22.58
CA PRO A 69 2.58 -2.54 21.28
C PRO A 69 2.42 -4.06 21.25
N ARG A 70 1.47 -4.52 20.44
CA ARG A 70 1.18 -5.94 20.22
C ARG A 70 1.03 -6.17 18.73
N TYR A 71 1.17 -7.42 18.30
CA TYR A 71 0.77 -7.80 16.94
C TYR A 71 -0.76 -7.93 16.97
N GLU A 72 -1.42 -7.34 15.98
CA GLU A 72 -2.89 -7.26 15.99
C GLU A 72 -3.49 -7.75 14.67
N PRO A 73 -4.68 -8.37 14.73
CA PRO A 73 -5.41 -8.73 13.51
C PRO A 73 -5.99 -7.50 12.80
N ARG A 74 -5.96 -7.52 11.47
CA ARG A 74 -6.51 -6.44 10.65
C ARG A 74 -7.58 -6.94 9.67
N ALA A 75 -7.86 -8.24 9.69
CA ALA A 75 -8.90 -8.84 8.88
C ALA A 75 -9.70 -9.79 9.76
N ARG A 76 -11.02 -9.83 9.56
CA ARG A 76 -11.94 -10.58 10.43
C ARG A 76 -11.56 -12.06 10.59
N TRP A 77 -11.12 -12.68 9.50
CA TRP A 77 -10.80 -14.11 9.52
C TRP A 77 -9.63 -14.48 10.44
N MET A 78 -8.79 -13.52 10.80
CA MET A 78 -7.66 -13.80 11.72
C MET A 78 -8.07 -14.08 13.16
N GLU A 79 -9.36 -13.97 13.47
CA GLU A 79 -9.91 -14.38 14.76
C GLU A 79 -9.80 -15.89 14.98
N GLN A 80 -9.64 -16.65 13.90
CA GLN A 80 -9.54 -18.10 13.97
C GLN A 80 -8.21 -18.58 14.57
N GLU A 81 -7.24 -17.67 14.71
CA GLU A 81 -5.98 -17.97 15.40
C GLU A 81 -6.13 -17.80 16.92
N GLY A 82 -5.43 -18.65 17.67
CA GLY A 82 -5.53 -18.66 19.13
C GLY A 82 -4.58 -17.67 19.77
N PRO A 83 -4.61 -17.61 21.13
CA PRO A 83 -3.76 -16.68 21.89
C PRO A 83 -2.26 -16.87 21.68
N GLU A 84 -1.83 -18.13 21.50
CA GLU A 84 -0.41 -18.42 21.31
C GLU A 84 0.17 -17.78 20.04
N TYR A 85 -0.63 -17.74 18.98
CA TYR A 85 -0.21 -17.11 17.74
C TYR A 85 0.21 -15.67 17.98
N TRP A 86 -0.68 -14.89 18.61
CA TRP A 86 -0.44 -13.45 18.88
C TRP A 86 0.73 -13.22 19.84
N GLU A 87 0.84 -14.07 20.84
CA GLU A 87 1.96 -13.97 21.75
C GLU A 87 3.28 -14.14 21.01
N ARG A 88 3.37 -15.18 20.19
CA ARG A 88 4.60 -15.48 19.45
C ARG A 88 4.97 -14.37 18.46
N GLU A 89 3.99 -13.88 17.70
CA GLU A 89 4.23 -12.81 16.72
C GLU A 89 4.69 -11.53 17.41
N THR A 90 4.03 -11.20 18.52
CA THR A 90 4.42 -10.05 19.33
C THR A 90 5.87 -10.18 19.80
N GLN A 91 6.24 -11.35 20.29
CA GLN A 91 7.61 -11.58 20.77
C GLN A 91 8.62 -11.42 19.63
N LYS A 92 8.32 -11.97 18.45
CA LYS A 92 9.14 -11.75 17.26
C LYS A 92 9.30 -10.26 16.92
N ALA A 93 8.19 -9.53 16.90
CA ALA A 93 8.21 -8.12 16.55
C ALA A 93 9.10 -7.31 17.50
N LYS A 94 8.94 -7.55 18.81
CA LYS A 94 9.79 -6.88 19.81
C LYS A 94 11.26 -7.22 19.64
N GLY A 95 11.55 -8.47 19.25
CA GLY A 95 12.91 -8.89 18.96
C GLY A 95 13.43 -8.18 17.73
N ASN A 96 12.62 -8.17 16.68
CA ASN A 96 12.98 -7.52 15.43
C ASN A 96 13.20 -6.03 15.59
N GLU A 97 12.33 -5.40 16.38
CA GLU A 97 12.49 -4.00 16.76
C GLU A 97 13.92 -3.71 17.20
N GLN A 98 14.44 -4.48 18.15
CA GLN A 98 15.76 -4.21 18.70
C GLN A 98 16.87 -4.36 17.66
N SER A 99 16.80 -5.39 16.84
CA SER A 99 17.81 -5.60 15.80
C SER A 99 17.86 -4.40 14.83
N PHE A 100 16.71 -3.81 14.52
CA PHE A 100 16.67 -2.63 13.63
C PHE A 100 17.20 -1.36 14.31
N ARG A 101 17.05 -1.23 15.62
CA ARG A 101 17.66 -0.12 16.36
CA ARG A 101 17.66 -0.11 16.34
C ARG A 101 19.17 -0.18 16.21
N VAL A 102 19.70 -1.41 16.28
CA VAL A 102 21.13 -1.63 16.12
C VAL A 102 21.55 -1.37 14.68
N ASP A 103 20.76 -1.85 13.72
CA ASP A 103 21.02 -1.59 12.30
C ASP A 103 21.16 -0.10 12.00
N LEU A 104 20.25 0.70 12.54
CA LEU A 104 20.30 2.15 12.36
C LEU A 104 21.62 2.73 12.83
N ARG A 105 22.08 2.32 14.00
CA ARG A 105 23.39 2.75 14.49
C ARG A 105 24.50 2.28 13.55
N THR A 106 24.49 0.99 13.22
CA THR A 106 25.50 0.40 12.34
C THR A 106 25.68 1.20 11.04
N LEU A 107 24.57 1.49 10.36
CA LEU A 107 24.65 2.19 9.07
C LEU A 107 25.18 3.63 9.18
N LEU A 108 25.01 4.28 10.33
CA LEU A 108 25.66 5.59 10.56
C LEU A 108 27.17 5.45 10.47
N GLY A 109 27.70 4.33 10.97
CA GLY A 109 29.11 3.99 10.83
C GLY A 109 29.51 3.70 9.39
N TYR A 110 28.81 2.78 8.74
CA TYR A 110 29.12 2.41 7.35
C TYR A 110 29.15 3.61 6.41
N TYR A 111 28.18 4.51 6.56
CA TYR A 111 28.06 5.68 5.69
C TYR A 111 28.66 6.97 6.29
N ASN A 112 29.32 6.87 7.45
CA ASN A 112 29.91 8.04 8.14
C ASN A 112 28.93 9.20 8.27
N GLN A 113 27.77 8.93 8.85
CA GLN A 113 26.72 9.92 9.04
C GLN A 113 26.66 10.32 10.53
N SER A 114 26.21 11.55 10.80
CA SER A 114 26.09 12.02 12.18
C SER A 114 24.84 11.46 12.86
N LYS A 115 24.78 11.61 14.19
CA LYS A 115 23.66 11.11 14.99
C LYS A 115 22.44 12.06 14.97
N GLY A 116 22.59 13.23 14.36
CA GLY A 116 21.56 14.26 14.43
C GLY A 116 20.47 14.24 13.36
N GLY A 117 20.46 13.21 12.50
CA GLY A 117 19.51 13.15 11.38
C GLY A 117 18.64 11.90 11.40
N SER A 118 17.47 11.99 10.78
CA SER A 118 16.53 10.88 10.71
C SER A 118 16.83 9.96 9.51
N HIS A 119 16.81 8.66 9.75
CA HIS A 119 17.09 7.69 8.69
C HIS A 119 16.08 6.56 8.72
N THR A 120 15.89 5.92 7.56
CA THR A 120 14.86 4.89 7.40
C THR A 120 15.43 3.59 6.85
N ILE A 121 15.06 2.48 7.49
CA ILE A 121 15.30 1.14 6.94
C ILE A 121 13.95 0.53 6.58
N GLN A 122 13.86 -0.02 5.38
CA GLN A 122 12.65 -0.72 4.93
C GLN A 122 13.01 -2.12 4.47
N VAL A 123 12.16 -3.09 4.83
CA VAL A 123 12.32 -4.45 4.34
C VAL A 123 10.99 -4.99 3.80
N ILE A 124 11.06 -5.66 2.66
CA ILE A 124 9.92 -6.39 2.12
C ILE A 124 10.32 -7.87 2.00
N SER A 125 9.54 -8.73 2.66
CA SER A 125 9.70 -10.17 2.63
C SER A 125 8.38 -10.84 2.26
N GLY A 126 8.44 -11.87 1.43
CA GLY A 126 7.24 -12.58 1.04
C GLY A 126 7.45 -13.82 0.19
N CYS A 127 6.37 -14.59 0.04
CA CYS A 127 6.33 -15.73 -0.87
C CYS A 127 5.03 -15.69 -1.65
N GLU A 128 5.02 -16.36 -2.80
CA GLU A 128 3.83 -16.42 -3.65
C GLU A 128 3.59 -17.85 -4.09
N VAL A 129 2.32 -18.24 -4.14
CA VAL A 129 1.94 -19.57 -4.59
C VAL A 129 0.94 -19.50 -5.74
N GLY A 130 0.94 -20.55 -6.57
CA GLY A 130 -0.08 -20.71 -7.59
C GLY A 130 -1.41 -21.08 -6.96
N SER A 131 -2.43 -21.28 -7.79
CA SER A 131 -3.75 -21.65 -7.29
C SER A 131 -3.74 -23.04 -6.65
N ASP A 132 -2.79 -23.88 -7.05
CA ASP A 132 -2.61 -25.21 -6.47
C ASP A 132 -1.83 -25.23 -5.16
N GLY A 133 -1.40 -24.06 -4.67
CA GLY A 133 -0.68 -23.95 -3.39
C GLY A 133 0.83 -24.14 -3.46
N ARG A 134 1.37 -24.38 -4.65
CA ARG A 134 2.81 -24.63 -4.81
C ARG A 134 3.58 -23.32 -4.94
N LEU A 135 4.82 -23.34 -4.46
CA LEU A 135 5.70 -22.16 -4.47
C LEU A 135 6.01 -21.65 -5.88
N LEU A 136 5.80 -20.35 -6.11
CA LEU A 136 6.21 -19.71 -7.36
C LEU A 136 7.51 -18.93 -7.17
N ARG A 137 7.59 -18.14 -6.11
CA ARG A 137 8.81 -17.39 -5.79
C ARG A 137 8.79 -16.80 -4.40
N GLY A 138 9.99 -16.65 -3.83
CA GLY A 138 10.17 -15.98 -2.54
C GLY A 138 11.18 -14.86 -2.71
N TYR A 139 11.14 -13.87 -1.82
CA TYR A 139 12.01 -12.71 -1.92
C TYR A 139 12.19 -11.96 -0.59
N GLN A 140 13.29 -11.25 -0.49
CA GLN A 140 13.51 -10.31 0.61
C GLN A 140 14.47 -9.23 0.14
N GLN A 141 14.04 -7.98 0.27
CA GLN A 141 14.83 -6.84 -0.17
C GLN A 141 14.85 -5.77 0.91
N TYR A 142 16.02 -5.16 1.13
CA TYR A 142 16.20 -4.08 2.11
C TYR A 142 16.50 -2.77 1.39
N ALA A 143 16.09 -1.66 2.00
CA ALA A 143 16.45 -0.33 1.53
C ALA A 143 16.87 0.57 2.69
N TYR A 144 17.82 1.46 2.41
CA TYR A 144 18.24 2.49 3.35
C TYR A 144 17.96 3.87 2.74
N ASP A 145 17.25 4.71 3.48
CA ASP A 145 16.85 6.04 3.02
C ASP A 145 16.25 6.01 1.61
N GLY A 146 15.38 5.04 1.37
CA GLY A 146 14.65 4.94 0.11
C GLY A 146 15.43 4.41 -1.07
N CYS A 147 16.66 3.92 -0.84
CA CYS A 147 17.49 3.36 -1.90
C CYS A 147 17.80 1.89 -1.60
N ASP A 148 17.87 1.09 -2.65
CA ASP A 148 18.23 -0.34 -2.56
C ASP A 148 19.50 -0.52 -1.74
N TYR A 149 19.45 -1.45 -0.79
CA TYR A 149 20.60 -1.77 0.03
C TYR A 149 21.10 -3.17 -0.35
N ILE A 150 20.30 -4.18 -0.02
CA ILE A 150 20.66 -5.58 -0.25
C ILE A 150 19.40 -6.40 -0.56
N ALA A 151 19.56 -7.44 -1.37
CA ALA A 151 18.44 -8.25 -1.83
C ALA A 151 18.84 -9.72 -2.03
N LEU A 152 17.93 -10.61 -1.64
CA LEU A 152 18.08 -12.03 -1.93
C LEU A 152 17.85 -12.23 -3.42
N ASN A 153 18.77 -12.95 -4.07
CA ASN A 153 18.60 -13.29 -5.48
C ASN A 153 17.47 -14.30 -5.67
N GLU A 154 17.06 -14.48 -6.93
CA GLU A 154 15.94 -15.33 -7.27
C GLU A 154 16.21 -16.81 -6.96
N ASP A 155 17.49 -17.19 -6.93
CA ASP A 155 17.87 -18.56 -6.55
C ASP A 155 17.68 -18.87 -5.05
N LEU A 156 17.53 -17.84 -4.23
CA LEU A 156 17.34 -17.96 -2.77
C LEU A 156 18.57 -18.51 -2.06
N LYS A 157 19.74 -18.36 -2.69
CA LYS A 157 20.99 -18.88 -2.15
C LYS A 157 22.03 -17.78 -1.93
N THR A 158 22.00 -16.74 -2.77
CA THR A 158 22.96 -15.64 -2.65
C THR A 158 22.27 -14.27 -2.57
N TRP A 159 23.03 -13.30 -2.09
CA TRP A 159 22.57 -11.93 -1.93
C TRP A 159 23.22 -11.05 -3.00
N THR A 160 22.58 -9.92 -3.28
CA THR A 160 23.20 -8.91 -4.15
C THR A 160 23.17 -7.55 -3.45
N ALA A 161 24.29 -6.83 -3.53
CA ALA A 161 24.53 -5.63 -2.74
C ALA A 161 24.69 -4.39 -3.62
N ALA A 162 23.91 -3.36 -3.31
CA ALA A 162 23.83 -2.14 -4.12
C ALA A 162 25.01 -1.17 -3.93
N ASP A 163 25.70 -1.27 -2.80
CA ASP A 163 26.90 -0.46 -2.55
C ASP A 163 27.82 -1.19 -1.58
N MET A 164 28.94 -0.55 -1.22
CA MET A 164 29.95 -1.19 -0.37
C MET A 164 29.56 -1.32 1.11
N ALA A 165 28.59 -0.54 1.55
CA ALA A 165 28.01 -0.74 2.87
C ALA A 165 27.31 -2.10 2.90
N ALA A 166 26.44 -2.33 1.92
CA ALA A 166 25.73 -3.60 1.80
C ALA A 166 26.65 -4.80 1.49
N LEU A 167 27.81 -4.53 0.89
CA LEU A 167 28.81 -5.59 0.67
C LEU A 167 29.33 -6.12 2.00
N ILE A 168 29.48 -5.25 2.99
CA ILE A 168 29.88 -5.68 4.34
C ILE A 168 28.82 -6.61 4.91
N THR A 169 27.55 -6.20 4.80
CA THR A 169 26.42 -7.00 5.24
C THR A 169 26.42 -8.36 4.53
N LYS A 170 26.73 -8.36 3.24
CA LYS A 170 26.71 -9.58 2.44
C LYS A 170 27.72 -10.59 2.98
N HIS A 171 28.94 -10.13 3.24
CA HIS A 171 29.97 -10.99 3.80
C HIS A 171 29.58 -11.55 5.17
N LYS A 172 28.97 -10.71 6.03
CA LYS A 172 28.50 -11.17 7.34
C LYS A 172 27.51 -12.32 7.19
N TRP A 173 26.51 -12.12 6.33
CA TRP A 173 25.42 -13.06 6.15
C TRP A 173 25.85 -14.36 5.47
N GLU A 174 26.89 -14.29 4.64
CA GLU A 174 27.47 -15.48 4.02
C GLU A 174 28.22 -16.34 5.02
N GLN A 175 29.08 -15.71 5.82
CA GLN A 175 29.87 -16.44 6.83
C GLN A 175 28.95 -16.97 7.93
N ALA A 176 27.78 -16.37 8.10
CA ALA A 176 26.77 -16.87 9.04
C ALA A 176 25.81 -17.88 8.40
N GLY A 177 25.79 -17.96 7.07
CA GLY A 177 24.90 -18.85 6.35
C GLY A 177 23.44 -18.45 6.49
N GLU A 178 23.17 -17.14 6.47
CA GLU A 178 21.80 -16.63 6.69
C GLU A 178 20.85 -17.04 5.56
N ALA A 179 21.32 -17.00 4.32
CA ALA A 179 20.48 -17.33 3.17
C ALA A 179 19.72 -18.65 3.36
N GLU A 180 20.42 -19.65 3.88
CA GLU A 180 19.85 -20.99 4.11
C GLU A 180 18.69 -21.00 5.09
N ARG A 181 18.78 -20.22 6.16
CA ARG A 181 17.67 -20.12 7.12
C ARG A 181 16.47 -19.42 6.49
N LEU A 182 16.74 -18.34 5.76
CA LEU A 182 15.69 -17.59 5.11
C LEU A 182 15.01 -18.44 4.05
N ARG A 183 15.80 -19.12 3.24
CA ARG A 183 15.27 -20.03 2.23
C ARG A 183 14.26 -21.01 2.83
N ALA A 184 14.60 -21.57 4.01
CA ALA A 184 13.73 -22.56 4.66
C ALA A 184 12.42 -21.92 5.10
N TYR A 185 12.49 -20.66 5.52
CA TYR A 185 11.28 -19.93 5.87
C TYR A 185 10.39 -19.66 4.63
N LEU A 186 10.98 -19.20 3.54
CA LEU A 186 10.20 -18.82 2.34
C LEU A 186 9.57 -20.01 1.64
N GLU A 187 10.29 -21.13 1.57
CA GLU A 187 9.83 -22.34 0.92
C GLU A 187 8.92 -23.19 1.81
N GLY A 188 9.10 -23.10 3.12
CA GLY A 188 8.34 -23.92 4.05
C GLY A 188 7.27 -23.14 4.80
N THR A 189 7.72 -22.46 5.86
CA THR A 189 6.84 -21.74 6.79
C THR A 189 5.94 -20.72 6.10
N CYS A 190 6.52 -19.86 5.27
CA CYS A 190 5.77 -18.82 4.57
C CYS A 190 4.69 -19.42 3.67
N VAL A 191 5.04 -20.49 2.96
CA VAL A 191 4.11 -21.16 2.07
C VAL A 191 2.96 -21.84 2.84
N GLU A 192 3.31 -22.56 3.90
CA GLU A 192 2.29 -23.33 4.64
C GLU A 192 1.32 -22.42 5.38
N TRP A 193 1.81 -21.34 5.98
CA TRP A 193 0.93 -20.38 6.63
C TRP A 193 0.09 -19.58 5.63
N LEU A 194 0.65 -19.29 4.46
CA LEU A 194 -0.14 -18.68 3.38
C LEU A 194 -1.32 -19.58 2.99
N ARG A 195 -1.08 -20.88 2.81
CA ARG A 195 -2.16 -21.83 2.51
C ARG A 195 -3.24 -21.78 3.60
N ARG A 196 -2.79 -21.81 4.86
CA ARG A 196 -3.70 -21.76 6.00
C ARG A 196 -4.57 -20.50 6.00
N TYR A 197 -3.97 -19.35 5.67
CA TYR A 197 -4.71 -18.10 5.65
C TYR A 197 -5.74 -18.06 4.53
N LEU A 198 -5.34 -18.54 3.36
CA LEU A 198 -6.26 -18.65 2.21
C LEU A 198 -7.45 -19.56 2.51
N LYS A 199 -7.22 -20.58 3.33
CA LYS A 199 -8.28 -21.48 3.74
C LYS A 199 -9.20 -20.81 4.75
N ASN A 200 -8.62 -20.35 5.86
CA ASN A 200 -9.39 -19.69 6.93
C ASN A 200 -10.15 -18.46 6.43
N GLY A 201 -9.49 -17.66 5.59
CA GLY A 201 -10.10 -16.45 5.03
C GLY A 201 -10.70 -16.63 3.65
N ASN A 202 -11.03 -17.87 3.28
CA ASN A 202 -11.62 -18.18 1.98
C ASN A 202 -12.68 -17.17 1.55
N ALA A 203 -13.69 -17.00 2.41
CA ALA A 203 -14.85 -16.17 2.10
C ALA A 203 -14.46 -14.74 1.68
N THR A 204 -13.35 -14.25 2.22
CA THR A 204 -12.87 -12.91 1.96
C THR A 204 -11.80 -12.88 0.85
N LEU A 205 -10.82 -13.77 0.94
CA LEU A 205 -9.66 -13.75 0.05
C LEU A 205 -9.92 -14.31 -1.34
N LEU A 206 -10.83 -15.28 -1.47
CA LEU A 206 -11.14 -15.88 -2.78
C LEU A 206 -12.46 -15.41 -3.39
N ARG A 207 -13.07 -14.38 -2.81
CA ARG A 207 -14.26 -13.77 -3.40
C ARG A 207 -13.86 -12.93 -4.62
N THR A 208 -14.86 -12.60 -5.44
CA THR A 208 -14.69 -11.60 -6.49
C THR A 208 -15.87 -10.63 -6.42
N ASP A 209 -15.58 -9.35 -6.15
CA ASP A 209 -16.56 -8.27 -6.27
C ASP A 209 -16.39 -7.63 -7.64
N SER A 210 -17.47 -7.57 -8.42
CA SER A 210 -17.45 -7.00 -9.76
C SER A 210 -17.38 -5.47 -9.76
N PRO A 211 -16.58 -4.88 -10.66
CA PRO A 211 -16.57 -3.43 -10.80
C PRO A 211 -17.91 -2.87 -11.24
N LYS A 212 -18.27 -1.70 -10.71
CA LYS A 212 -19.37 -0.92 -11.24
C LYS A 212 -18.77 0.36 -11.80
N ALA A 213 -19.09 0.67 -13.06
CA ALA A 213 -18.44 1.77 -13.77
C ALA A 213 -19.42 2.87 -14.14
N HIS A 214 -18.88 4.08 -14.28
CA HIS A 214 -19.61 5.20 -14.87
C HIS A 214 -18.62 6.24 -15.39
N VAL A 215 -19.14 7.19 -16.16
CA VAL A 215 -18.30 8.20 -16.81
C VAL A 215 -18.77 9.60 -16.44
N THR A 216 -17.83 10.46 -16.07
CA THR A 216 -18.11 11.87 -15.78
C THR A 216 -17.51 12.81 -16.84
N HIS A 217 -18.04 14.02 -16.87
CA HIS A 217 -17.83 14.98 -17.95
C HIS A 217 -17.43 16.31 -17.34
N HIS A 218 -16.33 16.89 -17.82
CA HIS A 218 -15.84 18.18 -17.34
C HIS A 218 -15.33 19.00 -18.51
N SER A 219 -15.75 20.27 -18.58
CA SER A 219 -15.37 21.15 -19.69
C SER A 219 -13.94 21.66 -19.50
N ARG A 220 -13.41 22.29 -20.55
CA ARG A 220 -12.05 22.82 -20.58
C ARG A 220 -12.05 24.14 -21.37
N PRO A 221 -10.93 24.87 -21.34
CA PRO A 221 -10.86 26.16 -22.03
C PRO A 221 -11.24 26.16 -23.52
N GLU A 222 -10.53 25.38 -24.35
CA GLU A 222 -10.62 25.49 -25.81
C GLU A 222 -11.42 24.34 -26.44
N ASP A 223 -12.74 24.49 -26.50
CA ASP A 223 -13.64 23.52 -27.14
C ASP A 223 -13.21 22.05 -26.95
N LYS A 224 -12.78 21.74 -25.72
CA LYS A 224 -12.36 20.39 -25.37
C LYS A 224 -13.00 19.96 -24.06
N VAL A 225 -12.97 18.66 -23.80
CA VAL A 225 -13.70 18.06 -22.69
C VAL A 225 -12.85 16.95 -22.05
N THR A 226 -12.90 16.86 -20.73
CA THR A 226 -12.30 15.74 -20.01
C THR A 226 -13.39 14.70 -19.75
N LEU A 227 -13.10 13.46 -20.14
CA LEU A 227 -13.98 12.33 -19.82
C LEU A 227 -13.24 11.45 -18.83
N ARG A 228 -13.90 11.09 -17.74
CA ARG A 228 -13.27 10.27 -16.71
C ARG A 228 -14.10 9.01 -16.48
N CYS A 229 -13.47 7.86 -16.68
CA CYS A 229 -14.10 6.57 -16.44
C CYS A 229 -13.74 6.06 -15.04
N TRP A 230 -14.76 5.84 -14.21
CA TRP A 230 -14.56 5.31 -12.85
C TRP A 230 -14.87 3.82 -12.79
N ALA A 231 -14.14 3.10 -11.95
CA ALA A 231 -14.45 1.72 -11.59
C ALA A 231 -14.43 1.60 -10.08
N LEU A 232 -15.53 1.11 -9.51
CA LEU A 232 -15.73 1.10 -8.06
C LEU A 232 -16.08 -0.29 -7.53
N GLY A 233 -15.83 -0.49 -6.23
CA GLY A 233 -16.30 -1.64 -5.48
C GLY A 233 -15.79 -3.02 -5.90
N PHE A 234 -14.57 -3.08 -6.44
CA PHE A 234 -14.07 -4.35 -6.99
C PHE A 234 -12.98 -5.03 -6.16
N TYR A 235 -12.90 -6.35 -6.30
CA TYR A 235 -11.90 -7.17 -5.64
C TYR A 235 -11.70 -8.44 -6.45
N PRO A 236 -10.45 -8.87 -6.65
CA PRO A 236 -9.19 -8.27 -6.21
C PRO A 236 -8.82 -6.96 -6.94
N ALA A 237 -7.69 -6.37 -6.56
CA ALA A 237 -7.25 -5.07 -7.07
C ALA A 237 -6.92 -5.03 -8.55
N ASP A 238 -6.34 -6.10 -9.09
CA ASP A 238 -5.97 -6.15 -10.51
CA ASP A 238 -5.97 -6.15 -10.51
C ASP A 238 -7.18 -5.81 -11.39
N ILE A 239 -7.02 -4.78 -12.22
CA ILE A 239 -8.06 -4.36 -13.14
C ILE A 239 -7.35 -3.68 -14.32
N THR A 240 -8.08 -3.43 -15.40
CA THR A 240 -7.54 -2.63 -16.52
C THR A 240 -8.62 -1.70 -17.07
N LEU A 241 -8.33 -0.41 -17.05
CA LEU A 241 -9.17 0.62 -17.67
C LEU A 241 -8.48 1.18 -18.89
N THR A 242 -9.23 1.30 -19.99
CA THR A 242 -8.70 1.89 -21.22
C THR A 242 -9.78 2.72 -21.90
N TRP A 243 -9.34 3.73 -22.63
CA TRP A 243 -10.21 4.49 -23.51
C TRP A 243 -9.89 4.09 -24.95
N GLN A 244 -10.92 4.05 -25.79
CA GLN A 244 -10.75 3.71 -27.20
C GLN A 244 -11.46 4.70 -28.11
N LEU A 245 -10.80 5.02 -29.21
CA LEU A 245 -11.40 5.75 -30.32
C LEU A 245 -11.20 4.90 -31.57
N ASN A 246 -12.29 4.61 -32.29
CA ASN A 246 -12.25 3.77 -33.49
C ASN A 246 -11.51 2.44 -33.27
N GLY A 247 -11.82 1.75 -32.18
CA GLY A 247 -11.24 0.43 -31.92
C GLY A 247 -9.78 0.40 -31.48
N GLU A 248 -9.06 1.51 -31.64
CA GLU A 248 -7.69 1.60 -31.16
C GLU A 248 -7.65 2.16 -29.75
N GLU A 249 -6.82 1.56 -28.90
CA GLU A 249 -6.63 2.01 -27.53
C GLU A 249 -5.85 3.32 -27.51
N LEU A 250 -6.32 4.27 -26.70
CA LEU A 250 -5.65 5.55 -26.53
C LEU A 250 -4.98 5.63 -25.17
N ILE A 251 -3.76 5.10 -25.07
CA ILE A 251 -2.95 5.18 -23.85
C ILE A 251 -1.80 6.18 -24.09
N GLN A 252 -2.12 7.29 -24.76
CA GLN A 252 -1.15 8.33 -25.03
C GLN A 252 -1.49 9.55 -24.17
N ASP A 253 -2.68 10.09 -24.36
CA ASP A 253 -3.16 11.26 -23.61
C ASP A 253 -4.06 10.84 -22.44
N MET A 254 -3.79 9.66 -21.88
CA MET A 254 -4.62 9.10 -20.81
C MET A 254 -4.01 9.41 -19.45
N GLU A 255 -4.76 10.13 -18.61
CA GLU A 255 -4.36 10.35 -17.23
C GLU A 255 -4.97 9.27 -16.37
N LEU A 256 -4.31 8.97 -15.24
CA LEU A 256 -4.58 7.75 -14.51
C LEU A 256 -4.20 7.94 -13.04
N VAL A 257 -4.90 7.25 -12.15
CA VAL A 257 -4.45 7.10 -10.77
C VAL A 257 -4.18 5.62 -10.56
N GLU A 258 -3.29 5.31 -9.62
CA GLU A 258 -3.02 3.94 -9.25
C GLU A 258 -4.23 3.36 -8.53
N THR A 259 -4.48 2.07 -8.72
CA THR A 259 -5.57 1.40 -8.06
C THR A 259 -5.42 1.63 -6.57
N ARG A 260 -6.52 1.94 -5.90
CA ARG A 260 -6.45 2.43 -4.54
C ARG A 260 -7.55 1.85 -3.64
N PRO A 261 -7.20 1.59 -2.37
CA PRO A 261 -8.14 1.01 -1.42
C PRO A 261 -9.24 2.00 -1.05
N ALA A 262 -10.45 1.49 -0.91
CA ALA A 262 -11.64 2.34 -0.68
C ALA A 262 -12.16 2.27 0.75
N GLY A 263 -11.46 1.55 1.62
CA GLY A 263 -11.71 1.60 3.06
C GLY A 263 -12.53 0.45 3.64
N ASP A 264 -12.98 -0.47 2.78
CA ASP A 264 -13.87 -1.56 3.19
C ASP A 264 -13.45 -2.93 2.65
N GLY A 265 -12.22 -3.05 2.16
CA GLY A 265 -11.78 -4.29 1.55
C GLY A 265 -11.83 -4.28 0.02
N THR A 266 -12.46 -3.26 -0.56
CA THR A 266 -12.56 -3.14 -2.03
C THR A 266 -11.66 -2.03 -2.56
N PHE A 267 -11.50 -2.01 -3.88
CA PHE A 267 -10.65 -1.02 -4.54
C PHE A 267 -11.42 -0.20 -5.57
N GLN A 268 -10.81 0.92 -5.95
CA GLN A 268 -11.33 1.76 -7.03
C GLN A 268 -10.20 2.32 -7.89
N LYS A 269 -10.58 2.78 -9.08
CA LYS A 269 -9.65 3.37 -10.04
C LYS A 269 -10.38 4.30 -10.99
N TRP A 270 -9.67 5.27 -11.55
CA TRP A 270 -10.19 6.03 -12.67
C TRP A 270 -9.13 6.29 -13.73
N ALA A 271 -9.62 6.54 -14.95
CA ALA A 271 -8.78 6.84 -16.10
C ALA A 271 -9.48 7.89 -16.94
N SER A 272 -8.76 8.93 -17.32
CA SER A 272 -9.36 10.04 -18.06
C SER A 272 -8.65 10.33 -19.38
N VAL A 273 -9.40 10.94 -20.30
CA VAL A 273 -8.90 11.28 -21.61
C VAL A 273 -9.52 12.62 -22.02
N VAL A 274 -8.75 13.44 -22.73
CA VAL A 274 -9.21 14.76 -23.18
C VAL A 274 -9.64 14.69 -24.64
N VAL A 275 -10.91 15.05 -24.92
CA VAL A 275 -11.49 14.87 -26.25
C VAL A 275 -12.08 16.17 -26.82
N PRO A 276 -12.32 16.22 -28.15
CA PRO A 276 -12.98 17.39 -28.73
C PRO A 276 -14.46 17.50 -28.35
N LEU A 277 -14.90 18.72 -28.06
CA LEU A 277 -16.29 18.97 -27.70
C LEU A 277 -17.20 18.59 -28.86
N GLY A 278 -18.32 17.94 -28.55
CA GLY A 278 -19.27 17.47 -29.56
C GLY A 278 -18.96 16.09 -30.11
N LYS A 279 -17.76 15.58 -29.83
CA LYS A 279 -17.32 14.28 -30.34
C LYS A 279 -17.10 13.29 -29.21
N GLU A 280 -17.86 13.44 -28.12
CA GLU A 280 -17.73 12.59 -26.96
C GLU A 280 -18.25 11.17 -27.21
N GLN A 281 -19.24 11.05 -28.08
CA GLN A 281 -19.91 9.77 -28.30
C GLN A 281 -19.06 8.75 -29.04
N TYR A 282 -17.96 9.21 -29.64
CA TYR A 282 -17.04 8.32 -30.37
C TYR A 282 -15.97 7.68 -29.46
N TYR A 283 -15.98 8.02 -28.17
CA TYR A 283 -15.01 7.46 -27.23
C TYR A 283 -15.68 6.50 -26.25
N THR A 284 -15.05 5.34 -26.06
CA THR A 284 -15.61 4.30 -25.19
C THR A 284 -14.58 3.92 -24.13
N CYS A 285 -15.06 3.70 -22.90
CA CYS A 285 -14.21 3.18 -21.83
C CYS A 285 -14.40 1.67 -21.71
N HIS A 286 -13.30 0.95 -21.49
CA HIS A 286 -13.35 -0.52 -21.36
C HIS A 286 -12.75 -1.01 -20.04
N VAL A 287 -13.55 -1.75 -19.28
CA VAL A 287 -13.17 -2.27 -17.96
C VAL A 287 -12.98 -3.80 -18.03
N TYR A 288 -11.78 -4.25 -17.69
CA TYR A 288 -11.44 -5.67 -17.65
C TYR A 288 -11.16 -6.10 -16.22
N HIS A 289 -11.90 -7.07 -15.73
CA HIS A 289 -11.74 -7.58 -14.37
C HIS A 289 -12.14 -9.04 -14.32
N GLN A 290 -11.54 -9.81 -13.43
CA GLN A 290 -11.85 -11.25 -13.34
C GLN A 290 -13.30 -11.53 -12.92
N GLY A 291 -13.94 -10.55 -12.31
CA GLY A 291 -15.37 -10.60 -12.01
C GLY A 291 -16.27 -10.07 -13.10
N LEU A 292 -15.70 -9.83 -14.29
CA LEU A 292 -16.46 -9.42 -15.47
C LEU A 292 -16.28 -10.47 -16.57
N PRO A 293 -17.24 -11.40 -16.68
CA PRO A 293 -17.19 -12.43 -17.73
C PRO A 293 -16.98 -11.81 -19.11
N GLU A 294 -17.75 -10.76 -19.41
CA GLU A 294 -17.52 -9.92 -20.58
C GLU A 294 -17.21 -8.50 -20.10
N PRO A 295 -16.09 -7.92 -20.55
CA PRO A 295 -15.70 -6.59 -20.07
C PRO A 295 -16.75 -5.52 -20.33
N LEU A 296 -16.82 -4.52 -19.46
CA LEU A 296 -17.80 -3.44 -19.62
C LEU A 296 -17.37 -2.49 -20.73
N THR A 297 -18.35 -1.90 -21.39
CA THR A 297 -18.12 -0.83 -22.35
C THR A 297 -19.08 0.31 -22.02
N LEU A 298 -18.53 1.52 -21.82
CA LEU A 298 -19.31 2.68 -21.42
C LEU A 298 -19.07 3.87 -22.33
N ARG A 299 -20.12 4.66 -22.52
CA ARG A 299 -20.02 5.98 -23.17
C ARG A 299 -20.43 7.04 -22.17
N TRP A 300 -20.19 8.30 -22.52
CA TRP A 300 -20.74 9.43 -21.77
C TRP A 300 -22.20 9.62 -22.18
N GLU A 301 -23.09 9.69 -21.19
CA GLU A 301 -24.53 9.86 -21.42
C GLU A 301 -25.02 11.24 -20.96
N PRO A 302 -25.61 12.03 -21.89
CA PRO A 302 -26.18 13.34 -21.53
C PRO A 302 -27.27 13.25 -20.45
N ILE B 2 17.30 11.56 -1.12
CA ILE B 2 15.96 11.29 -1.75
C ILE B 2 14.84 11.96 -0.97
N GLN B 3 14.03 12.76 -1.67
CA GLN B 3 12.84 13.37 -1.10
C GLN B 3 11.71 13.42 -2.12
N LYS B 4 10.53 12.94 -1.74
CA LYS B 4 9.41 12.84 -2.66
C LYS B 4 8.12 13.39 -2.06
N THR B 5 7.49 14.31 -2.79
CA THR B 5 6.28 14.96 -2.33
C THR B 5 5.10 13.98 -2.42
N PRO B 6 4.24 13.98 -1.39
CA PRO B 6 3.10 13.07 -1.43
C PRO B 6 2.04 13.51 -2.44
N GLN B 7 1.45 12.53 -3.11
CA GLN B 7 0.22 12.74 -3.87
C GLN B 7 -0.91 12.50 -2.90
N ILE B 8 -1.92 13.35 -2.94
CA ILE B 8 -3.00 13.32 -1.96
C ILE B 8 -4.33 13.19 -2.68
N GLN B 9 -4.99 12.05 -2.51
CA GLN B 9 -6.24 11.76 -3.20
C GLN B 9 -7.37 11.55 -2.18
N VAL B 10 -8.50 12.20 -2.43
CA VAL B 10 -9.64 12.18 -1.52
C VAL B 10 -10.86 11.71 -2.30
N TYR B 11 -11.53 10.68 -1.79
CA TYR B 11 -12.61 10.02 -2.53
C TYR B 11 -13.49 9.21 -1.62
N SER B 12 -14.75 9.05 -2.01
CA SER B 12 -15.70 8.26 -1.25
C SER B 12 -15.82 6.86 -1.83
N ARG B 13 -16.29 5.90 -1.02
CA ARG B 13 -16.45 4.51 -1.45
C ARG B 13 -17.58 4.36 -2.47
N HIS B 14 -18.70 5.03 -2.20
CA HIS B 14 -19.84 5.03 -3.10
C HIS B 14 -20.01 6.42 -3.69
N PRO B 15 -20.68 6.52 -4.86
CA PRO B 15 -21.10 7.83 -5.34
C PRO B 15 -21.92 8.52 -4.26
N PRO B 16 -21.64 9.80 -3.99
CA PRO B 16 -22.26 10.45 -2.85
C PRO B 16 -23.73 10.79 -3.05
N GLU B 17 -24.58 10.27 -2.17
CA GLU B 17 -25.98 10.69 -2.05
C GLU B 17 -26.21 11.25 -0.65
N ASN B 18 -26.84 12.42 -0.57
CA ASN B 18 -27.11 13.05 0.72
C ASN B 18 -28.01 12.18 1.60
N GLY B 19 -27.58 11.95 2.84
CA GLY B 19 -28.36 11.16 3.80
C GLY B 19 -28.01 9.68 3.83
N LYS B 20 -27.14 9.24 2.92
CA LYS B 20 -26.77 7.84 2.82
C LYS B 20 -25.39 7.61 3.41
N PRO B 21 -25.26 6.71 4.41
CA PRO B 21 -23.95 6.34 4.95
C PRO B 21 -22.98 5.92 3.86
N ASN B 22 -21.71 6.28 4.05
CA ASN B 22 -20.68 6.13 3.03
C ASN B 22 -19.35 6.00 3.76
N ILE B 23 -18.25 6.03 3.00
CA ILE B 23 -16.90 6.03 3.56
C ILE B 23 -16.06 7.05 2.79
N LEU B 24 -15.39 7.94 3.52
CA LEU B 24 -14.49 8.92 2.90
C LEU B 24 -13.06 8.46 3.07
N ASN B 25 -12.28 8.57 2.00
CA ASN B 25 -10.91 8.12 1.99
C ASN B 25 -9.96 9.26 1.67
N CYS B 26 -8.77 9.18 2.28
CA CYS B 26 -7.66 10.04 1.91
C CYS B 26 -6.43 9.16 1.77
N TYR B 27 -6.02 8.94 0.53
CA TYR B 27 -4.87 8.09 0.21
C TYR B 27 -3.68 8.96 -0.10
N VAL B 28 -2.66 8.86 0.75
CA VAL B 28 -1.43 9.64 0.58
C VAL B 28 -0.34 8.70 0.08
N THR B 29 0.27 9.03 -1.05
CA THR B 29 1.13 8.08 -1.75
C THR B 29 2.41 8.69 -2.29
N GLN B 30 3.37 7.82 -2.60
CA GLN B 30 4.61 8.19 -3.28
C GLN B 30 5.45 9.22 -2.52
N PHE B 31 5.55 9.07 -1.20
CA PHE B 31 6.32 10.02 -0.40
C PHE B 31 7.51 9.42 0.35
N HIS B 32 8.48 10.28 0.61
CA HIS B 32 9.68 9.93 1.37
C HIS B 32 10.33 11.23 1.83
N PRO B 33 10.79 11.30 3.09
CA PRO B 33 10.84 10.28 4.14
C PRO B 33 9.46 9.92 4.73
N PRO B 34 9.39 8.87 5.57
CA PRO B 34 8.10 8.38 6.07
C PRO B 34 7.34 9.29 7.05
N HIS B 35 8.04 10.12 7.82
CA HIS B 35 7.37 10.99 8.78
C HIS B 35 6.33 11.84 8.07
N ILE B 36 5.11 11.87 8.61
CA ILE B 36 4.02 12.58 7.97
C ILE B 36 2.87 12.81 8.95
N GLU B 37 2.13 13.90 8.72
CA GLU B 37 0.94 14.20 9.50
C GLU B 37 -0.23 14.25 8.52
N ILE B 38 -1.32 13.55 8.86
CA ILE B 38 -2.47 13.41 7.99
C ILE B 38 -3.74 13.61 8.81
N GLN B 39 -4.51 14.63 8.46
CA GLN B 39 -5.75 14.98 9.19
C GLN B 39 -6.92 15.03 8.22
N MET B 40 -8.01 14.34 8.56
CA MET B 40 -9.27 14.44 7.84
C MET B 40 -10.16 15.46 8.56
N LEU B 41 -10.75 16.38 7.79
CA LEU B 41 -11.49 17.52 8.36
C LEU B 41 -12.91 17.60 7.83
N LYS B 42 -13.86 17.91 8.72
CA LYS B 42 -15.26 18.17 8.36
C LYS B 42 -15.61 19.60 8.74
N ASN B 43 -15.91 20.43 7.74
CA ASN B 43 -16.14 21.85 7.95
C ASN B 43 -14.98 22.51 8.73
N GLY B 44 -13.75 22.18 8.32
CA GLY B 44 -12.54 22.71 8.93
C GLY B 44 -12.21 22.17 10.32
N LYS B 45 -12.95 21.17 10.78
CA LYS B 45 -12.78 20.63 12.13
C LYS B 45 -12.31 19.17 12.03
N LYS B 46 -11.34 18.80 12.87
CA LYS B 46 -10.82 17.43 12.86
C LYS B 46 -11.92 16.41 13.12
N ILE B 47 -11.95 15.38 12.29
CA ILE B 47 -12.82 14.24 12.52
C ILE B 47 -12.11 13.33 13.53
N PRO B 48 -12.77 12.98 14.65
CA PRO B 48 -12.14 12.07 15.60
C PRO B 48 -12.19 10.62 15.14
N LYS B 49 -11.41 9.76 15.80
CA LYS B 49 -11.35 8.31 15.53
C LYS B 49 -11.26 7.93 14.04
N VAL B 50 -10.41 8.63 13.31
CA VAL B 50 -10.08 8.29 11.93
C VAL B 50 -9.17 7.07 11.92
N GLU B 51 -9.45 6.12 11.02
CA GLU B 51 -8.67 4.88 10.95
C GLU B 51 -7.51 5.01 9.96
N MET B 52 -6.32 4.57 10.39
CA MET B 52 -5.16 4.50 9.51
C MET B 52 -4.90 3.05 9.13
N SER B 53 -4.80 2.80 7.82
CA SER B 53 -4.65 1.45 7.29
C SER B 53 -3.88 1.42 5.97
N ASP B 54 -3.60 0.22 5.49
CA ASP B 54 -2.98 -0.02 4.18
C ASP B 54 -1.65 0.70 4.01
N MET B 55 -0.81 0.62 5.04
CA MET B 55 0.53 1.17 4.95
C MET B 55 1.36 0.19 4.14
N SER B 56 2.00 0.68 3.09
CA SER B 56 2.88 -0.14 2.28
C SER B 56 3.91 0.73 1.58
N PHE B 57 4.77 0.09 0.78
CA PHE B 57 5.62 0.83 -0.16
C PHE B 57 5.75 0.12 -1.51
N SER B 58 5.98 0.92 -2.55
CA SER B 58 6.10 0.42 -3.91
C SER B 58 7.52 -0.07 -4.16
N LYS B 59 7.77 -0.52 -5.39
CA LYS B 59 9.09 -1.03 -5.79
C LYS B 59 10.20 0.02 -5.80
N ASP B 60 9.85 1.30 -5.87
CA ASP B 60 10.86 2.37 -5.72
C ASP B 60 10.99 2.84 -4.26
N TRP B 61 10.33 2.13 -3.34
CA TRP B 61 10.44 2.34 -1.87
C TRP B 61 9.62 3.48 -1.25
N SER B 62 8.98 4.30 -2.07
CA SER B 62 8.15 5.39 -1.55
C SER B 62 6.93 4.86 -0.78
N PHE B 63 6.44 5.65 0.16
CA PHE B 63 5.42 5.20 1.09
C PHE B 63 3.99 5.48 0.62
N TYR B 64 3.09 4.57 1.00
CA TYR B 64 1.67 4.68 0.70
C TYR B 64 0.92 4.47 2.02
N ILE B 65 -0.10 5.28 2.28
CA ILE B 65 -0.96 5.02 3.45
C ILE B 65 -2.35 5.63 3.29
N LEU B 66 -3.33 4.98 3.91
CA LEU B 66 -4.73 5.36 3.80
C LEU B 66 -5.33 5.81 5.14
N ALA B 67 -6.00 6.96 5.10
CA ALA B 67 -6.87 7.41 6.19
C ALA B 67 -8.31 7.30 5.72
N HIS B 68 -9.19 6.78 6.57
CA HIS B 68 -10.60 6.70 6.24
C HIS B 68 -11.55 6.74 7.43
N THR B 69 -12.77 7.16 7.15
CA THR B 69 -13.78 7.30 8.17
C THR B 69 -15.17 7.11 7.55
N GLU B 70 -16.07 6.52 8.33
CA GLU B 70 -17.47 6.43 7.94
C GLU B 70 -18.06 7.82 8.03
N PHE B 71 -18.95 8.14 7.11
CA PHE B 71 -19.61 9.46 7.13
C PHE B 71 -20.87 9.44 6.27
N THR B 72 -21.78 10.35 6.61
CA THR B 72 -23.01 10.53 5.87
C THR B 72 -23.01 11.95 5.32
N PRO B 73 -22.75 12.10 4.01
CA PRO B 73 -22.70 13.45 3.44
C PRO B 73 -24.04 14.17 3.48
N THR B 74 -23.98 15.50 3.50
CA THR B 74 -25.14 16.38 3.37
C THR B 74 -24.84 17.42 2.30
N GLU B 75 -25.87 18.14 1.89
CA GLU B 75 -25.72 19.14 0.84
C GLU B 75 -24.65 20.18 1.19
N THR B 76 -24.60 20.60 2.45
CA THR B 76 -23.78 21.74 2.87
C THR B 76 -22.38 21.41 3.43
N ASP B 77 -22.21 20.21 4.00
CA ASP B 77 -20.93 19.83 4.62
C ASP B 77 -19.78 19.72 3.62
N THR B 78 -18.61 20.22 4.00
CA THR B 78 -17.41 20.07 3.19
C THR B 78 -16.35 19.27 3.95
N TYR B 79 -15.57 18.49 3.21
CA TYR B 79 -14.54 17.63 3.78
C TYR B 79 -13.22 17.87 3.07
N ALA B 80 -12.13 17.65 3.80
CA ALA B 80 -10.79 17.85 3.24
C ALA B 80 -9.76 16.98 3.97
N CYS B 81 -8.59 16.88 3.36
CA CYS B 81 -7.47 16.15 3.94
C CYS B 81 -6.26 17.10 4.01
N ARG B 82 -5.76 17.33 5.22
CA ARG B 82 -4.60 18.19 5.44
C ARG B 82 -3.39 17.32 5.71
N VAL B 83 -2.33 17.52 4.92
CA VAL B 83 -1.09 16.75 5.07
C VAL B 83 0.11 17.69 5.31
N LYS B 84 0.94 17.33 6.30
CA LYS B 84 2.22 18.00 6.53
C LYS B 84 3.36 17.04 6.23
N HIS B 85 4.29 17.48 5.39
CA HIS B 85 5.45 16.67 5.03
C HIS B 85 6.63 17.59 4.73
N ASP B 86 7.84 17.10 5.02
CA ASP B 86 9.07 17.91 4.90
C ASP B 86 9.38 18.45 3.51
N SER B 87 8.84 17.80 2.48
CA SER B 87 9.04 18.22 1.10
C SER B 87 8.22 19.46 0.74
N MET B 88 7.35 19.89 1.64
CA MET B 88 6.42 20.98 1.37
C MET B 88 6.65 22.14 2.33
N ALA B 89 6.60 23.36 1.80
CA ALA B 89 6.73 24.57 2.61
C ALA B 89 5.52 24.73 3.52
N GLU B 90 4.32 24.61 2.93
CA GLU B 90 3.06 24.74 3.67
C GLU B 90 2.37 23.40 3.79
N PRO B 91 1.48 23.25 4.79
CA PRO B 91 0.56 22.11 4.77
C PRO B 91 -0.31 22.18 3.52
N LYS B 92 -0.67 21.02 3.00
CA LYS B 92 -1.51 20.95 1.81
C LYS B 92 -2.88 20.40 2.17
N THR B 93 -3.90 21.24 2.00
CA THR B 93 -5.28 20.88 2.29
C THR B 93 -5.95 20.54 0.96
N VAL B 94 -6.27 19.26 0.76
CA VAL B 94 -6.95 18.83 -0.46
C VAL B 94 -8.43 18.53 -0.15
N TYR B 95 -9.31 19.29 -0.78
CA TYR B 95 -10.75 19.13 -0.58
C TYR B 95 -11.32 17.99 -1.37
N TRP B 96 -12.37 17.39 -0.83
CA TRP B 96 -13.13 16.35 -1.51
C TRP B 96 -13.99 17.00 -2.58
N ASP B 97 -13.85 16.51 -3.82
CA ASP B 97 -14.60 16.98 -4.97
C ASP B 97 -15.60 15.91 -5.34
N ARG B 98 -16.86 16.11 -4.95
CA ARG B 98 -17.89 15.09 -5.16
C ARG B 98 -18.40 14.99 -6.60
N ASP B 99 -17.97 15.90 -7.47
CA ASP B 99 -18.36 15.86 -8.88
C ASP B 99 -17.27 15.30 -9.80
N MET B 100 -16.12 14.93 -9.24
CA MET B 100 -14.99 14.47 -10.05
C MET B 100 -15.38 13.25 -10.87
N PHE C 1 2.45 -15.72 9.18
CA PHE C 1 3.50 -16.05 10.19
C PHE C 1 4.79 -15.33 9.80
N ALA C 2 5.08 -14.26 10.53
CA ALA C 2 6.15 -13.35 10.16
C ALA C 2 7.53 -13.97 10.34
N PRO C 3 8.53 -13.45 9.62
CA PRO C 3 9.92 -13.81 9.92
C PRO C 3 10.27 -13.46 11.36
N GLY C 4 10.89 -14.39 12.07
CA GLY C 4 11.27 -14.20 13.47
C GLY C 4 12.70 -13.72 13.68
N ASN C 5 13.46 -13.60 12.59
CA ASN C 5 14.83 -13.13 12.67
C ASN C 5 15.21 -12.34 11.42
N TYR C 6 15.58 -11.08 11.62
CA TYR C 6 16.27 -10.31 10.61
C TYR C 6 17.69 -10.11 11.12
N PRO C 7 18.65 -10.85 10.55
CA PRO C 7 20.03 -10.71 11.03
C PRO C 7 20.52 -9.27 10.90
N ALA C 8 21.48 -8.90 11.73
CA ALA C 8 21.99 -7.53 11.78
C ALA C 8 22.74 -7.19 10.51
N LEU C 9 22.63 -5.93 10.09
CA LEU C 9 23.34 -5.44 8.91
C LEU C 9 24.83 -5.28 9.19
#